data_8J2V
#
_entry.id   8J2V
#
_cell.length_a   83.580
_cell.length_b   103.660
_cell.length_c   54.000
_cell.angle_alpha   90.00
_cell.angle_beta   90.00
_cell.angle_gamma   90.00
#
_symmetry.space_group_name_H-M   'P 21 21 2'
#
loop_
_entity.id
_entity.type
_entity.pdbx_description
1 polymer Glycosyltransferase
2 non-polymer 7-hydroxy-6-methoxy-2H-1-benzopyran-2-one
3 non-polymer GLYCEROL
4 water water
#
_entity_poly.entity_id   1
_entity_poly.type   'polypeptide(L)'
_entity_poly.pdbx_seq_one_letter_code
;SSQLHVAIVSSPGMGHLIPVLVLGNRLATHHNIKITILAITTTSSSAETEFLKKTTLTNEEKTIEIIPVPSVDISHLINS
STKIFTQLRLLVREALPKIHSTIASMTHRPDALIVDIFCTQILPIAEEFNISKYTYHPTTAWTLALAIYCQVFDKEIEGE
YVELKEPLKIPGCKALRPDDVVDPLLDRSDQQYEEYVKLGKEYTDFDGILINTWEDLEPETINALRYNEKLRLLLKVPVF
PIGPLRRKVETTLNDEVIQWLDKQNNESVLFVSFGSGGTLSTKQMTELAWGLELSQQKFVWVVRPPSDGDADSAYLNSAG
KDTRDMSEYLPEGFLTRTKDMGLVVPMWANQVEILSHSSVGGFLTHCGWNSTVESLTNGVPMIAWPLHAEQKMNAAMLTE
ELGVAIRPAVLPTKKLVKREEIQGMVRILMQTKEGKRIKEKAKKLKKSAENALSDGGSSYNSICELVKDIRSREL
;
_entity_poly.pdbx_strand_id   A
#
loop_
_chem_comp.id
_chem_comp.type
_chem_comp.name
_chem_comp.formula
GOL non-polymer GLYCEROL 'C3 H8 O3'
T83 non-polymer 7-hydroxy-6-methoxy-2H-1-benzopyran-2-one 'C10 H8 O4'
#
# COMPACT_ATOMS: atom_id res chain seq x y z
N SER A 1 -34.40 4.43 -1.97
CA SER A 1 -34.00 4.92 -0.64
C SER A 1 -33.08 6.15 -0.80
N SER A 2 -33.08 7.04 0.20
CA SER A 2 -32.43 8.34 0.10
C SER A 2 -30.94 8.24 0.45
N GLN A 3 -30.22 9.34 0.23
CA GLN A 3 -28.77 9.31 0.18
C GLN A 3 -28.14 8.94 1.53
N LEU A 4 -27.03 8.21 1.45
CA LEU A 4 -26.23 7.90 2.62
C LEU A 4 -25.06 8.85 2.73
N HIS A 5 -24.68 9.15 3.97
CA HIS A 5 -23.55 9.99 4.30
C HIS A 5 -22.51 9.12 5.00
N VAL A 6 -21.33 9.00 4.39
CA VAL A 6 -20.22 8.21 4.94
C VAL A 6 -19.02 9.13 5.12
N ALA A 7 -18.45 9.12 6.32
CA ALA A 7 -17.19 9.81 6.61
C ALA A 7 -16.05 8.79 6.64
N ILE A 8 -14.96 9.08 5.94
CA ILE A 8 -13.78 8.22 5.89
C ILE A 8 -12.64 8.97 6.56
N VAL A 9 -11.98 8.33 7.50
CA VAL A 9 -10.91 8.97 8.24
C VAL A 9 -9.59 8.40 7.74
N SER A 10 -8.68 9.30 7.34
CA SER A 10 -7.33 8.96 6.90
C SER A 10 -6.30 9.34 7.95
N SER A 11 -5.36 8.45 8.24
CA SER A 11 -4.23 8.80 9.08
C SER A 11 -3.24 9.65 8.29
N PRO A 12 -2.26 10.27 8.96
CA PRO A 12 -1.36 11.22 8.27
C PRO A 12 -0.44 10.53 7.27
N GLY A 13 -0.16 11.23 6.17
CA GLY A 13 0.71 10.80 5.08
C GLY A 13 0.00 10.59 3.76
N MET A 14 0.62 11.05 2.66
CA MET A 14 0.03 10.82 1.35
C MET A 14 -0.22 9.34 1.10
N GLY A 15 0.62 8.46 1.63
CA GLY A 15 0.41 7.04 1.43
C GLY A 15 -0.91 6.56 1.99
N HIS A 16 -1.46 7.28 2.96
CA HIS A 16 -2.75 6.92 3.55
C HIS A 16 -3.89 7.74 2.99
N LEU A 17 -3.66 9.02 2.73
CA LEU A 17 -4.69 9.89 2.21
C LEU A 17 -5.15 9.45 0.82
N ILE A 18 -4.22 9.09 -0.06
CA ILE A 18 -4.55 8.91 -1.47
C ILE A 18 -5.52 7.73 -1.61
N PRO A 19 -5.21 6.55 -1.06
CA PRO A 19 -6.16 5.44 -1.16
C PRO A 19 -7.52 5.78 -0.56
N VAL A 20 -7.53 6.54 0.53
CA VAL A 20 -8.79 6.99 1.12
C VAL A 20 -9.56 7.86 0.13
N LEU A 21 -8.87 8.83 -0.48
CA LEU A 21 -9.50 9.64 -1.53
C LEU A 21 -9.98 8.78 -2.70
N VAL A 22 -9.20 7.77 -3.10
CA VAL A 22 -9.67 6.96 -4.21
C VAL A 22 -10.96 6.23 -3.82
N LEU A 23 -10.99 5.66 -2.61
CA LEU A 23 -12.20 5.01 -2.13
C LEU A 23 -13.35 6.00 -2.07
N GLY A 24 -13.10 7.18 -1.50
CA GLY A 24 -14.15 8.19 -1.44
C GLY A 24 -14.68 8.52 -2.82
N ASN A 25 -13.76 8.70 -3.80
CA ASN A 25 -14.19 8.98 -5.16
C ASN A 25 -15.11 7.89 -5.69
N ARG A 26 -14.71 6.63 -5.52
CA ARG A 26 -15.51 5.55 -6.07
C ARG A 26 -16.89 5.49 -5.41
N LEU A 27 -16.95 5.76 -4.10
CA LEU A 27 -18.24 5.70 -3.41
C LEU A 27 -19.16 6.85 -3.85
N ALA A 28 -18.60 8.01 -4.13
CA ALA A 28 -19.46 9.17 -4.44
C ALA A 28 -19.96 9.12 -5.88
N THR A 29 -19.16 8.59 -6.80
CA THR A 29 -19.52 8.60 -8.22
C THR A 29 -20.40 7.43 -8.57
N HIS A 30 -20.01 6.22 -8.17
CA HIS A 30 -20.75 5.02 -8.61
C HIS A 30 -21.74 4.50 -7.57
N HIS A 31 -21.77 5.08 -6.37
CA HIS A 31 -22.63 4.46 -5.33
C HIS A 31 -23.56 5.48 -4.62
N ASN A 32 -23.71 6.70 -5.13
CA ASN A 32 -24.69 7.66 -4.58
C ASN A 32 -24.45 7.97 -3.11
N ILE A 33 -23.19 8.04 -2.70
CA ILE A 33 -22.85 8.28 -1.30
C ILE A 33 -22.25 9.68 -1.17
N LYS A 34 -22.75 10.46 -0.22
CA LYS A 34 -22.11 11.74 0.09
C LYS A 34 -20.96 11.47 1.04
N ILE A 35 -19.77 11.94 0.66
CA ILE A 35 -18.52 11.59 1.31
C ILE A 35 -17.96 12.81 2.03
N THR A 36 -17.61 12.62 3.30
CA THR A 36 -16.73 13.52 4.03
C THR A 36 -15.45 12.77 4.36
N ILE A 37 -14.30 13.34 4.00
CA ILE A 37 -13.00 12.82 4.38
C ILE A 37 -12.49 13.62 5.58
N LEU A 38 -12.17 12.94 6.67
CA LEU A 38 -11.44 13.52 7.78
C LEU A 38 -9.99 13.14 7.59
N ALA A 39 -9.18 14.09 7.15
CA ALA A 39 -7.79 13.83 6.79
C ALA A 39 -6.93 14.33 7.94
N ILE A 40 -6.51 13.41 8.81
CA ILE A 40 -5.69 13.81 9.95
C ILE A 40 -4.30 14.13 9.45
N THR A 41 -3.80 15.32 9.80
CA THR A 41 -2.49 15.78 9.39
C THR A 41 -1.62 16.04 10.61
N THR A 42 -0.32 16.14 10.36
CA THR A 42 0.65 16.53 11.36
C THR A 42 0.47 18.00 11.72
N THR A 43 1.20 18.43 12.76
CA THR A 43 1.17 19.83 13.16
C THR A 43 1.46 20.74 11.98
N SER A 44 2.56 20.48 11.26
CA SER A 44 2.98 21.43 10.23
C SER A 44 3.92 20.74 9.24
N SER A 45 4.02 21.36 8.06
CA SER A 45 5.12 21.17 7.11
C SER A 45 5.13 19.77 6.50
N SER A 46 3.98 19.33 6.01
CA SER A 46 3.87 18.01 5.44
C SER A 46 3.66 18.10 3.94
N ALA A 47 4.22 17.13 3.21
CA ALA A 47 3.81 16.99 1.82
C ALA A 47 2.29 16.93 1.71
N GLU A 48 1.63 16.33 2.72
CA GLU A 48 0.18 16.21 2.69
C GLU A 48 -0.49 17.57 2.81
N THR A 49 -0.07 18.38 3.78
CA THR A 49 -0.68 19.70 3.93
C THR A 49 -0.47 20.55 2.68
N GLU A 50 0.66 20.37 1.98
CA GLU A 50 0.90 21.08 0.73
C GLU A 50 -0.09 20.63 -0.35
N PHE A 51 -0.24 19.30 -0.48
CA PHE A 51 -1.26 18.74 -1.37
C PHE A 51 -2.63 19.33 -1.08
N LEU A 52 -3.03 19.39 0.20
CA LEU A 52 -4.36 19.87 0.54
C LEU A 52 -4.54 21.36 0.27
N LYS A 53 -3.46 22.14 0.21
CA LYS A 53 -3.59 23.53 -0.17
C LYS A 53 -3.70 23.71 -1.68
N LYS A 54 -3.02 22.87 -2.47
CA LYS A 54 -3.06 22.97 -3.92
C LYS A 54 -4.32 22.38 -4.52
N THR A 55 -4.99 21.50 -3.81
CA THR A 55 -6.21 20.86 -4.30
C THR A 55 -7.42 21.49 -3.63
N THR A 56 -8.57 21.28 -4.25
CA THR A 56 -9.80 21.81 -3.68
C THR A 56 -10.37 20.83 -2.69
N LEU A 57 -10.92 21.36 -1.61
CA LEU A 57 -11.45 20.51 -0.55
C LEU A 57 -12.81 19.92 -0.89
N THR A 58 -13.49 20.42 -1.92
CA THR A 58 -14.80 19.92 -2.32
C THR A 58 -14.86 19.83 -3.83
N ASN A 59 -15.78 19.01 -4.34
CA ASN A 59 -15.90 18.77 -5.77
C ASN A 59 -17.05 19.59 -6.33
N GLU A 60 -17.29 19.41 -7.64
CA GLU A 60 -18.27 20.25 -8.34
C GLU A 60 -19.67 20.05 -7.77
N GLU A 61 -20.10 18.80 -7.59
CA GLU A 61 -21.47 18.48 -7.25
C GLU A 61 -21.68 18.27 -5.75
N LYS A 62 -20.80 18.82 -4.91
CA LYS A 62 -20.89 18.69 -3.46
C LYS A 62 -21.20 17.25 -3.01
N THR A 63 -20.47 16.30 -3.60
CA THR A 63 -20.57 14.91 -3.16
C THR A 63 -19.40 14.46 -2.30
N ILE A 64 -18.25 15.12 -2.41
CA ILE A 64 -17.06 14.82 -1.60
C ILE A 64 -16.56 16.10 -0.97
N GLU A 65 -16.26 16.05 0.33
CA GLU A 65 -15.61 17.15 1.03
C GLU A 65 -14.44 16.63 1.85
N ILE A 66 -13.31 17.31 1.78
CA ILE A 66 -12.16 17.00 2.61
C ILE A 66 -12.10 18.03 3.74
N ILE A 67 -12.12 17.53 4.96
CA ILE A 67 -11.93 18.34 6.16
C ILE A 67 -10.56 18.03 6.75
N PRO A 68 -9.57 18.88 6.52
CA PRO A 68 -8.29 18.66 7.18
C PRO A 68 -8.46 18.71 8.69
N VAL A 69 -7.84 17.77 9.38
CA VAL A 69 -7.90 17.69 10.83
C VAL A 69 -6.46 17.63 11.35
N PRO A 70 -5.87 18.76 11.74
CA PRO A 70 -4.48 18.74 12.18
C PRO A 70 -4.32 18.10 13.56
N SER A 71 -3.33 17.23 13.68
CA SER A 71 -2.99 16.64 14.97
C SER A 71 -2.29 17.70 15.81
N VAL A 72 -1.75 17.29 16.95
CA VAL A 72 -0.88 18.12 17.75
C VAL A 72 0.56 17.73 17.45
N ASP A 73 1.50 18.48 18.01
CA ASP A 73 2.92 18.16 17.88
C ASP A 73 3.26 17.00 18.79
N ILE A 74 3.95 15.99 18.25
CA ILE A 74 4.26 14.79 19.02
C ILE A 74 5.75 14.63 19.25
N SER A 75 6.55 15.65 18.92
CA SER A 75 8.01 15.47 19.01
C SER A 75 8.46 15.30 20.47
N HIS A 76 7.74 15.87 21.43
CA HIS A 76 8.03 15.69 22.85
C HIS A 76 7.57 14.36 23.41
N LEU A 77 6.92 13.54 22.58
CA LEU A 77 6.33 12.31 23.05
C LEU A 77 7.04 11.10 22.47
N ILE A 78 8.16 11.31 21.78
CA ILE A 78 8.87 10.25 21.08
C ILE A 78 10.36 10.49 21.23
N ASN A 79 11.14 9.48 20.81
CA ASN A 79 12.60 9.54 20.83
C ASN A 79 13.12 8.82 19.58
N SER A 80 14.44 8.58 19.55
CA SER A 80 15.05 8.07 18.33
C SER A 80 14.72 6.61 18.08
N SER A 81 14.25 5.88 19.08
CA SER A 81 13.86 4.50 18.86
C SER A 81 12.40 4.33 18.46
N THR A 82 11.60 5.39 18.49
CA THR A 82 10.17 5.25 18.27
C THR A 82 9.89 4.91 16.79
N LYS A 83 9.32 3.73 16.54
CA LYS A 83 9.06 3.25 15.19
C LYS A 83 7.90 4.02 14.55
N ILE A 84 7.86 3.96 13.21
CA ILE A 84 6.82 4.66 12.47
C ILE A 84 5.43 4.16 12.86
N PHE A 85 5.27 2.84 12.99
CA PHE A 85 3.97 2.30 13.41
C PHE A 85 3.48 2.99 14.69
N THR A 86 4.35 3.04 15.72
CA THR A 86 4.00 3.72 16.96
C THR A 86 3.68 5.20 16.73
N GLN A 87 4.48 5.88 15.90
CA GLN A 87 4.27 7.31 15.71
C GLN A 87 2.92 7.59 15.07
N LEU A 88 2.50 6.74 14.12
CA LEU A 88 1.20 6.93 13.49
C LEU A 88 0.07 6.75 14.49
N ARG A 89 0.12 5.68 15.31
CA ARG A 89 -0.86 5.47 16.36
C ARG A 89 -0.94 6.68 17.28
N LEU A 90 0.20 7.29 17.59
CA LEU A 90 0.22 8.40 18.54
C LEU A 90 -0.33 9.68 17.93
N LEU A 91 -0.06 9.91 16.64
CA LEU A 91 -0.59 11.08 15.97
C LEU A 91 -2.12 11.05 15.94
N VAL A 92 -2.70 9.87 15.74
CA VAL A 92 -4.19 9.76 15.66
C VAL A 92 -4.78 9.90 17.08
N ARG A 93 -4.18 9.22 18.05
CA ARG A 93 -4.61 9.34 19.46
C ARG A 93 -4.66 10.81 19.86
N GLU A 94 -3.63 11.56 19.50
CA GLU A 94 -3.55 12.98 19.92
C GLU A 94 -4.58 13.81 19.15
N ALA A 95 -5.09 13.29 18.03
CA ALA A 95 -6.09 14.03 17.29
C ALA A 95 -7.51 13.68 17.72
N LEU A 96 -7.68 12.73 18.64
CA LEU A 96 -9.01 12.28 19.00
C LEU A 96 -9.92 13.39 19.49
N PRO A 97 -9.48 14.31 20.36
CA PRO A 97 -10.36 15.43 20.75
C PRO A 97 -10.94 16.16 19.55
N LYS A 98 -10.08 16.49 18.59
CA LYS A 98 -10.48 17.21 17.40
C LYS A 98 -11.29 16.34 16.44
N ILE A 99 -11.02 15.03 16.40
CA ILE A 99 -11.92 14.17 15.63
C ILE A 99 -13.29 14.13 16.28
N HIS A 100 -13.33 14.03 17.62
CA HIS A 100 -14.60 14.00 18.32
C HIS A 100 -15.41 15.27 18.07
N SER A 101 -14.78 16.44 18.24
CA SER A 101 -15.53 17.66 18.02
C SER A 101 -15.93 17.82 16.56
N THR A 102 -15.04 17.47 15.62
CA THR A 102 -15.40 17.53 14.20
C THR A 102 -16.68 16.75 13.93
N ILE A 103 -16.76 15.52 14.44
CA ILE A 103 -17.96 14.71 14.22
C ILE A 103 -19.16 15.29 14.96
N ALA A 104 -18.93 15.83 16.16
CA ALA A 104 -20.03 16.39 16.94
C ALA A 104 -20.68 17.56 16.21
N SER A 105 -19.88 18.40 15.56
CA SER A 105 -20.43 19.57 14.89
C SER A 105 -21.24 19.21 13.66
N MET A 106 -21.00 18.02 13.08
CA MET A 106 -21.72 17.58 11.89
C MET A 106 -23.20 17.39 12.22
N THR A 107 -24.04 18.32 11.74
CA THR A 107 -25.46 18.30 12.08
C THR A 107 -26.15 17.05 11.53
N HIS A 108 -25.90 16.72 10.27
CA HIS A 108 -26.27 15.43 9.70
C HIS A 108 -25.15 14.44 10.03
N ARG A 109 -25.33 13.67 11.10
CA ARG A 109 -24.31 12.72 11.50
C ARG A 109 -24.08 11.69 10.37
N PRO A 110 -22.85 11.21 10.23
CA PRO A 110 -22.60 10.21 9.19
C PRO A 110 -23.41 8.96 9.48
N ASP A 111 -23.90 8.32 8.43
CA ASP A 111 -24.51 7.01 8.58
C ASP A 111 -23.49 5.92 8.92
N ALA A 112 -22.21 6.16 8.62
CA ALA A 112 -21.14 5.21 8.88
C ALA A 112 -19.81 5.96 8.84
N LEU A 113 -18.88 5.45 9.64
CA LEU A 113 -17.48 5.85 9.65
C LEU A 113 -16.65 4.70 9.10
N ILE A 114 -15.81 4.99 8.11
CA ILE A 114 -14.78 4.08 7.63
C ILE A 114 -13.43 4.67 8.06
N VAL A 115 -12.67 3.91 8.87
CA VAL A 115 -11.40 4.38 9.42
C VAL A 115 -10.24 3.56 8.86
N ASP A 116 -9.12 4.26 8.66
CA ASP A 116 -7.83 3.71 8.28
C ASP A 116 -7.35 2.65 9.27
N ILE A 117 -6.41 1.85 8.80
CA ILE A 117 -5.70 0.90 9.65
C ILE A 117 -5.15 1.60 10.89
N PHE A 118 -4.63 2.80 10.73
CA PHE A 118 -3.99 3.54 11.81
C PHE A 118 -4.95 4.44 12.57
N CYS A 119 -6.26 4.35 12.28
CA CYS A 119 -7.28 5.17 12.94
C CYS A 119 -8.29 4.33 13.75
N THR A 120 -7.98 3.06 14.03
CA THR A 120 -8.93 2.22 14.76
C THR A 120 -9.22 2.74 16.17
N GLN A 121 -8.34 3.56 16.72
CA GLN A 121 -8.60 4.21 18.00
C GLN A 121 -9.78 5.16 17.95
N ILE A 122 -10.36 5.41 16.78
CA ILE A 122 -11.58 6.21 16.69
C ILE A 122 -12.80 5.41 17.08
N LEU A 123 -12.65 4.10 17.28
CA LEU A 123 -13.78 3.21 17.55
C LEU A 123 -14.65 3.69 18.69
N PRO A 124 -14.12 4.13 19.83
CA PRO A 124 -14.99 4.64 20.90
C PRO A 124 -15.76 5.88 20.52
N ILE A 125 -15.27 6.70 19.58
CA ILE A 125 -16.05 7.86 19.18
C ILE A 125 -17.26 7.42 18.37
N ALA A 126 -17.07 6.48 17.45
CA ALA A 126 -18.21 5.93 16.74
C ALA A 126 -19.25 5.39 17.73
N GLU A 127 -18.79 4.63 18.73
CA GLU A 127 -19.67 4.09 19.77
C GLU A 127 -20.50 5.20 20.41
N GLU A 128 -19.81 6.20 20.97
CA GLU A 128 -20.47 7.31 21.64
C GLU A 128 -21.58 7.91 20.79
N PHE A 129 -21.35 8.10 19.48
CA PHE A 129 -22.37 8.71 18.64
C PHE A 129 -23.31 7.71 17.98
N ASN A 130 -23.14 6.41 18.21
CA ASN A 130 -24.03 5.39 17.65
C ASN A 130 -23.91 5.28 16.13
N ILE A 131 -22.72 5.54 15.60
CA ILE A 131 -22.47 5.47 14.16
C ILE A 131 -21.90 4.09 13.84
N SER A 132 -22.39 3.51 12.75
CA SER A 132 -21.82 2.23 12.27
C SER A 132 -20.34 2.46 11.92
N LYS A 133 -19.46 1.53 12.29
CA LYS A 133 -18.01 1.74 12.12
C LYS A 133 -17.39 0.59 11.33
N TYR A 134 -16.62 0.93 10.32
CA TYR A 134 -15.93 -0.10 9.51
C TYR A 134 -14.48 0.33 9.42
N THR A 135 -13.59 -0.63 9.20
CA THR A 135 -12.15 -0.31 9.05
C THR A 135 -11.69 -0.65 7.65
N TYR A 136 -10.72 0.12 7.14
CA TYR A 136 -10.19 -0.11 5.77
C TYR A 136 -8.76 -0.63 5.87
N HIS A 137 -8.53 -1.86 5.43
CA HIS A 137 -7.18 -2.48 5.44
C HIS A 137 -6.60 -2.18 4.06
N PRO A 138 -5.63 -1.25 3.97
CA PRO A 138 -5.14 -0.75 2.66
C PRO A 138 -4.15 -1.68 1.95
N THR A 139 -4.06 -2.94 2.37
CA THR A 139 -3.16 -3.88 1.70
C THR A 139 -3.76 -5.29 1.69
N THR A 140 -2.97 -6.30 1.36
CA THR A 140 -3.45 -7.65 1.10
C THR A 140 -4.33 -8.28 2.20
N ALA A 141 -5.19 -9.20 1.77
CA ALA A 141 -5.96 -10.01 2.70
C ALA A 141 -5.05 -10.91 3.53
N TRP A 142 -3.94 -11.40 2.95
CA TRP A 142 -3.00 -12.23 3.69
C TRP A 142 -2.47 -11.48 4.91
N THR A 143 -2.12 -10.21 4.75
CA THR A 143 -1.61 -9.48 5.91
C THR A 143 -2.72 -9.19 6.92
N LEU A 144 -3.97 -9.06 6.47
CA LEU A 144 -5.08 -8.90 7.41
C LEU A 144 -5.24 -10.13 8.28
N ALA A 145 -5.23 -11.32 7.66
CA ALA A 145 -5.32 -12.57 8.40
C ALA A 145 -4.19 -12.71 9.41
N LEU A 146 -2.99 -12.21 9.08
CA LEU A 146 -1.90 -12.22 10.05
C LEU A 146 -2.22 -11.34 11.26
N ALA A 147 -2.61 -10.09 11.01
CA ALA A 147 -2.83 -9.17 12.12
C ALA A 147 -3.86 -9.73 13.11
N ILE A 148 -4.92 -10.34 12.58
CA ILE A 148 -6.00 -10.85 13.41
C ILE A 148 -5.55 -12.09 14.16
N TYR A 149 -4.78 -12.97 13.49
CA TYR A 149 -4.35 -14.19 14.16
C TYR A 149 -3.16 -13.99 15.07
N CYS A 150 -2.54 -12.81 15.02
CA CYS A 150 -1.32 -12.60 15.78
C CYS A 150 -1.54 -12.81 17.28
N GLN A 151 -2.72 -12.44 17.79
CA GLN A 151 -3.02 -12.64 19.20
C GLN A 151 -2.92 -14.11 19.61
N VAL A 152 -3.14 -15.04 18.67
CA VAL A 152 -2.90 -16.44 18.94
C VAL A 152 -1.41 -16.77 18.93
N PHE A 153 -0.71 -16.38 17.84
CA PHE A 153 0.73 -16.58 17.79
C PHE A 153 1.40 -16.02 19.04
N ASP A 154 0.88 -14.92 19.57
CA ASP A 154 1.49 -14.28 20.73
C ASP A 154 1.46 -15.19 21.96
N LYS A 155 0.36 -15.92 22.16
CA LYS A 155 0.30 -16.84 23.31
C LYS A 155 0.99 -18.16 23.02
N GLU A 156 0.97 -18.63 21.77
CA GLU A 156 1.51 -19.93 21.42
C GLU A 156 3.01 -19.94 21.16
N ILE A 157 3.63 -18.78 20.95
CA ILE A 157 5.04 -18.74 20.55
C ILE A 157 5.83 -18.02 21.62
N GLU A 158 6.89 -18.66 22.11
CA GLU A 158 7.55 -18.23 23.34
C GLU A 158 8.60 -17.14 23.08
N GLY A 159 9.45 -17.32 22.07
CA GLY A 159 10.54 -16.41 21.78
C GLY A 159 10.29 -15.56 20.55
N GLU A 160 11.37 -14.98 20.03
CA GLU A 160 11.26 -14.09 18.89
C GLU A 160 10.73 -14.82 17.67
N TYR A 161 9.80 -14.17 16.97
CA TYR A 161 9.33 -14.71 15.70
C TYR A 161 10.46 -14.89 14.71
N VAL A 162 11.38 -13.92 14.65
CA VAL A 162 12.49 -13.99 13.70
C VAL A 162 13.43 -15.16 13.96
N GLU A 163 13.32 -15.82 15.11
CA GLU A 163 14.18 -16.95 15.44
C GLU A 163 13.49 -18.29 15.23
N LEU A 164 12.24 -18.30 14.78
CA LEU A 164 11.60 -19.57 14.43
C LEU A 164 12.32 -20.20 13.25
N LYS A 165 12.20 -21.52 13.13
CA LYS A 165 12.81 -22.27 12.03
C LYS A 165 11.78 -23.15 11.34
N GLU A 166 10.53 -22.72 11.36
CA GLU A 166 9.42 -23.37 10.71
C GLU A 166 8.40 -22.29 10.39
N PRO A 167 7.69 -22.40 9.29
CA PRO A 167 6.74 -21.34 8.91
C PRO A 167 5.69 -21.14 9.98
N LEU A 168 5.21 -19.90 10.10
CA LEU A 168 4.05 -19.62 10.94
C LEU A 168 2.79 -20.01 10.17
N LYS A 169 1.95 -20.86 10.77
CA LYS A 169 0.79 -21.40 10.08
C LYS A 169 -0.45 -20.56 10.39
N ILE A 170 -0.89 -19.79 9.42
CA ILE A 170 -2.13 -19.03 9.56
C ILE A 170 -3.26 -19.92 9.08
N PRO A 171 -4.23 -20.26 9.94
CA PRO A 171 -5.23 -21.27 9.56
C PRO A 171 -5.91 -20.94 8.23
N GLY A 172 -5.94 -21.95 7.36
CA GLY A 172 -6.51 -21.84 6.03
C GLY A 172 -5.76 -20.99 5.03
N CYS A 173 -4.60 -20.44 5.40
CA CYS A 173 -3.89 -19.49 4.53
C CYS A 173 -2.48 -19.96 4.23
N LYS A 174 -1.84 -19.23 3.32
CA LYS A 174 -0.43 -19.42 3.01
C LYS A 174 0.42 -19.36 4.29
N ALA A 175 1.31 -20.33 4.46
CA ALA A 175 2.21 -20.27 5.62
C ALA A 175 3.28 -19.20 5.42
N LEU A 176 3.68 -18.57 6.52
CA LEU A 176 4.50 -17.36 6.51
C LEU A 176 5.93 -17.67 6.97
N ARG A 177 6.89 -17.50 6.07
CA ARG A 177 8.28 -17.67 6.47
C ARG A 177 8.67 -16.66 7.55
N PRO A 178 9.39 -17.09 8.59
CA PRO A 178 9.80 -16.13 9.62
C PRO A 178 10.59 -14.95 9.07
N ASP A 179 11.38 -15.17 8.00
CA ASP A 179 12.11 -14.08 7.34
C ASP A 179 11.18 -12.98 6.80
N ASP A 180 9.91 -13.30 6.52
CA ASP A 180 8.99 -12.41 5.82
C ASP A 180 8.01 -11.68 6.73
N VAL A 181 8.16 -11.79 8.05
CA VAL A 181 7.18 -11.19 8.94
C VAL A 181 7.17 -9.68 8.76
N VAL A 182 5.99 -9.09 8.94
CA VAL A 182 5.86 -7.64 8.89
C VAL A 182 6.77 -6.99 9.93
N ASP A 183 7.08 -5.71 9.71
CA ASP A 183 8.02 -4.99 10.58
C ASP A 183 7.70 -5.09 12.06
N PRO A 184 6.50 -4.80 12.53
CA PRO A 184 6.23 -4.85 13.99
C PRO A 184 6.54 -6.20 14.63
N LEU A 185 6.68 -7.28 13.85
CA LEU A 185 6.98 -8.60 14.41
C LEU A 185 8.46 -8.89 14.51
N LEU A 186 9.32 -7.96 14.13
CA LEU A 186 10.76 -8.23 14.11
C LEU A 186 11.37 -8.23 15.51
N ASP A 187 10.72 -7.60 16.49
CA ASP A 187 11.32 -7.39 17.81
C ASP A 187 10.17 -7.28 18.81
N ARG A 188 9.82 -8.41 19.45
CA ARG A 188 8.73 -8.41 20.42
C ARG A 188 8.97 -7.47 21.59
N SER A 189 10.22 -7.12 21.88
CA SER A 189 10.44 -6.20 22.98
C SER A 189 10.18 -4.76 22.57
N ASP A 190 9.98 -4.49 21.29
CA ASP A 190 9.66 -3.12 20.92
C ASP A 190 8.20 -2.85 21.19
N GLN A 191 7.94 -1.61 21.61
CA GLN A 191 6.59 -1.11 21.85
C GLN A 191 5.63 -1.39 20.71
N GLN A 192 6.11 -1.34 19.47
CA GLN A 192 5.21 -1.45 18.33
C GLN A 192 4.64 -2.84 18.17
N TYR A 193 5.34 -3.86 18.71
CA TYR A 193 4.81 -5.21 18.66
C TYR A 193 3.47 -5.30 19.39
N GLU A 194 3.43 -4.87 20.66
CA GLU A 194 2.17 -4.95 21.37
C GLU A 194 1.12 -4.06 20.72
N GLU A 195 1.51 -2.89 20.22
CA GLU A 195 0.55 -2.08 19.48
C GLU A 195 -0.03 -2.83 18.29
N TYR A 196 0.76 -3.69 17.66
CA TYR A 196 0.29 -4.39 16.47
C TYR A 196 -0.65 -5.52 16.83
N VAL A 197 -0.33 -6.29 17.88
CA VAL A 197 -1.26 -7.30 18.35
C VAL A 197 -2.57 -6.66 18.76
N LYS A 198 -2.48 -5.50 19.42
CA LYS A 198 -3.67 -4.74 19.80
C LYS A 198 -4.50 -4.39 18.58
N LEU A 199 -3.85 -3.84 17.53
CA LEU A 199 -4.55 -3.52 16.28
C LEU A 199 -5.30 -4.73 15.74
N GLY A 200 -4.64 -5.91 15.73
CA GLY A 200 -5.28 -7.11 15.20
C GLY A 200 -6.57 -7.47 15.92
N LYS A 201 -6.65 -7.16 17.22
CA LYS A 201 -7.88 -7.35 17.99
C LYS A 201 -8.88 -6.23 17.74
N GLU A 202 -8.39 -5.01 17.51
CA GLU A 202 -9.29 -3.90 17.25
C GLU A 202 -10.08 -4.10 15.95
N TYR A 203 -9.48 -4.77 14.96
CA TYR A 203 -10.21 -5.13 13.73
C TYR A 203 -11.53 -5.80 14.06
N THR A 204 -11.47 -6.83 14.91
CA THR A 204 -12.62 -7.60 15.35
C THR A 204 -13.76 -6.76 15.93
N ASP A 205 -13.47 -5.59 16.51
CA ASP A 205 -14.50 -4.76 17.12
C ASP A 205 -15.35 -3.95 16.13
N PHE A 206 -15.02 -3.98 14.83
CA PHE A 206 -15.73 -3.20 13.84
C PHE A 206 -16.92 -3.97 13.28
N ASP A 207 -17.71 -3.30 12.45
CA ASP A 207 -18.87 -3.96 11.85
C ASP A 207 -18.51 -4.65 10.54
N GLY A 208 -17.28 -4.47 10.08
CA GLY A 208 -16.82 -5.06 8.83
C GLY A 208 -15.45 -4.52 8.51
N ILE A 209 -14.77 -5.19 7.59
CA ILE A 209 -13.42 -4.84 7.19
C ILE A 209 -13.37 -4.76 5.67
N LEU A 210 -13.07 -3.57 5.15
CA LEU A 210 -12.78 -3.40 3.73
C LEU A 210 -11.31 -3.72 3.46
N ILE A 211 -11.04 -4.36 2.32
CA ILE A 211 -9.67 -4.77 1.98
C ILE A 211 -9.37 -4.24 0.59
N ASN A 212 -8.13 -3.76 0.38
CA ASN A 212 -7.72 -3.26 -0.93
C ASN A 212 -7.14 -4.38 -1.78
N THR A 213 -7.97 -5.39 -2.03
CA THR A 213 -7.58 -6.54 -2.83
C THR A 213 -8.84 -6.97 -3.59
N TRP A 214 -8.72 -7.98 -4.44
CA TRP A 214 -9.93 -8.48 -5.05
C TRP A 214 -9.99 -10.00 -4.97
N GLU A 215 -11.23 -10.49 -5.11
CA GLU A 215 -11.55 -11.90 -4.90
C GLU A 215 -10.59 -12.80 -5.64
N ASP A 216 -10.44 -12.56 -6.94
CA ASP A 216 -9.63 -13.43 -7.79
C ASP A 216 -8.13 -13.33 -7.48
N LEU A 217 -7.68 -12.27 -6.83
CA LEU A 217 -6.26 -12.23 -6.48
C LEU A 217 -5.95 -13.18 -5.34
N GLU A 218 -6.80 -13.23 -4.31
CA GLU A 218 -6.51 -13.94 -3.06
C GLU A 218 -7.71 -14.80 -2.65
N PRO A 219 -8.18 -15.70 -3.53
CA PRO A 219 -9.40 -16.46 -3.20
C PRO A 219 -9.27 -17.32 -1.95
N GLU A 220 -8.13 -17.99 -1.78
CA GLU A 220 -7.91 -18.82 -0.60
C GLU A 220 -7.99 -17.99 0.67
N THR A 221 -7.19 -16.91 0.77
CA THR A 221 -7.17 -16.15 2.03
C THR A 221 -8.52 -15.45 2.29
N ILE A 222 -9.18 -14.93 1.23
CA ILE A 222 -10.47 -14.29 1.45
C ILE A 222 -11.49 -15.32 1.96
N ASN A 223 -11.53 -16.48 1.31
CA ASN A 223 -12.42 -17.55 1.75
C ASN A 223 -12.13 -17.97 3.20
N ALA A 224 -10.86 -18.02 3.57
CA ALA A 224 -10.53 -18.32 4.97
C ALA A 224 -11.03 -17.23 5.91
N LEU A 225 -10.84 -15.97 5.53
CA LEU A 225 -11.34 -14.88 6.40
C LEU A 225 -12.86 -14.96 6.57
N ARG A 226 -13.58 -15.41 5.54
CA ARG A 226 -15.03 -15.54 5.59
C ARG A 226 -15.49 -16.74 6.43
N TYR A 227 -14.84 -17.91 6.28
CA TYR A 227 -15.39 -19.17 6.77
C TYR A 227 -14.47 -20.02 7.65
N ASN A 228 -13.14 -19.84 7.60
CA ASN A 228 -12.28 -20.78 8.32
C ASN A 228 -12.62 -20.79 9.80
N GLU A 229 -12.82 -21.99 10.35
CA GLU A 229 -13.38 -22.11 11.69
C GLU A 229 -12.46 -21.53 12.77
N LYS A 230 -11.14 -21.59 12.56
CA LYS A 230 -10.24 -21.02 13.56
C LYS A 230 -10.22 -19.50 13.51
N LEU A 231 -10.14 -18.91 12.31
CA LEU A 231 -10.18 -17.46 12.19
C LEU A 231 -11.54 -16.90 12.63
N ARG A 232 -12.62 -17.65 12.40
CA ARG A 232 -13.93 -17.13 12.76
C ARG A 232 -14.19 -17.19 14.26
N LEU A 233 -13.33 -17.87 15.03
CA LEU A 233 -13.41 -17.73 16.47
C LEU A 233 -13.01 -16.32 16.87
N LEU A 234 -12.24 -15.64 16.02
CA LEU A 234 -11.67 -14.34 16.29
C LEU A 234 -12.38 -13.23 15.54
N LEU A 235 -12.79 -13.49 14.29
CA LEU A 235 -13.41 -12.49 13.44
C LEU A 235 -14.87 -12.87 13.22
N LYS A 236 -15.76 -12.01 13.70
CA LYS A 236 -17.20 -12.26 13.70
C LYS A 236 -17.93 -11.45 12.65
N VAL A 237 -17.26 -10.56 11.93
CA VAL A 237 -17.92 -9.67 10.98
C VAL A 237 -17.43 -9.95 9.56
N PRO A 238 -18.10 -9.44 8.54
CA PRO A 238 -17.72 -9.76 7.15
C PRO A 238 -16.49 -9.00 6.68
N VAL A 239 -15.90 -9.50 5.59
CA VAL A 239 -14.85 -8.74 4.91
C VAL A 239 -15.37 -8.37 3.54
N PHE A 240 -14.84 -7.27 3.01
CA PHE A 240 -15.30 -6.68 1.76
C PHE A 240 -14.09 -6.40 0.88
N PRO A 241 -13.70 -7.33 0.04
CA PRO A 241 -12.65 -7.00 -0.94
C PRO A 241 -13.20 -6.04 -2.00
N ILE A 242 -12.77 -4.77 -1.97
CA ILE A 242 -13.32 -3.72 -2.82
C ILE A 242 -12.28 -3.15 -3.78
N GLY A 243 -11.15 -3.83 -3.96
CA GLY A 243 -10.05 -3.27 -4.69
C GLY A 243 -9.93 -3.86 -6.08
N PRO A 244 -8.82 -3.54 -6.75
CA PRO A 244 -7.73 -2.72 -6.26
C PRO A 244 -8.03 -1.27 -6.52
N LEU A 245 -7.90 -0.42 -5.52
CA LEU A 245 -8.13 1.00 -5.68
C LEU A 245 -6.81 1.66 -6.03
N ARG A 246 -6.84 2.51 -7.04
CA ARG A 246 -5.62 3.09 -7.57
C ARG A 246 -5.93 4.51 -8.04
N ARG A 247 -4.98 5.43 -7.82
CA ARG A 247 -5.18 6.82 -8.20
C ARG A 247 -5.23 6.93 -9.72
N LYS A 248 -5.88 7.99 -10.20
CA LYS A 248 -5.98 8.24 -11.64
C LYS A 248 -4.74 8.98 -12.14
N VAL A 249 -4.43 8.79 -13.42
CA VAL A 249 -3.31 9.49 -14.06
C VAL A 249 -3.68 10.96 -14.28
N GLU A 250 -2.77 11.85 -13.93
CA GLU A 250 -2.90 13.29 -14.17
C GLU A 250 -1.71 13.73 -15.02
N THR A 251 -1.97 14.03 -16.29
CA THR A 251 -0.91 14.20 -17.28
C THR A 251 -0.11 15.47 -17.04
N THR A 252 1.11 15.47 -17.56
CA THR A 252 1.94 16.68 -17.67
C THR A 252 2.62 16.57 -19.04
N LEU A 253 2.13 17.36 -20.00
CA LEU A 253 2.50 17.14 -21.39
C LEU A 253 3.99 17.33 -21.63
N ASN A 254 4.58 18.37 -21.04
CA ASN A 254 5.99 18.71 -21.23
C ASN A 254 6.91 17.96 -20.27
N ASP A 255 6.45 16.82 -19.74
CA ASP A 255 7.23 16.01 -18.81
C ASP A 255 8.39 15.35 -19.55
N GLU A 256 9.63 15.68 -19.17
CA GLU A 256 10.77 15.13 -19.90
C GLU A 256 10.87 13.62 -19.76
N VAL A 257 10.43 13.04 -18.64
CA VAL A 257 10.42 11.57 -18.56
C VAL A 257 9.46 10.99 -19.58
N ILE A 258 8.26 11.56 -19.69
CA ILE A 258 7.30 11.01 -20.64
C ILE A 258 7.79 11.20 -22.05
N GLN A 259 8.45 12.34 -22.31
CA GLN A 259 9.01 12.56 -23.65
C GLN A 259 10.09 11.53 -23.95
N TRP A 260 10.94 11.21 -22.97
CA TRP A 260 11.95 10.18 -23.18
C TRP A 260 11.31 8.81 -23.40
N LEU A 261 10.27 8.51 -22.63
CA LEU A 261 9.57 7.24 -22.80
C LEU A 261 8.90 7.14 -24.17
N ASP A 262 8.27 8.22 -24.63
CA ASP A 262 7.61 8.23 -25.94
C ASP A 262 8.51 7.70 -27.06
N LYS A 263 9.83 7.89 -26.96
CA LYS A 263 10.76 7.50 -28.01
C LYS A 263 11.31 6.10 -27.84
N GLN A 264 10.81 5.30 -26.90
CA GLN A 264 11.33 3.95 -26.71
C GLN A 264 10.37 2.94 -27.32
N ASN A 265 10.90 1.73 -27.55
CA ASN A 265 10.04 0.67 -28.05
C ASN A 265 9.10 0.17 -26.97
N ASN A 266 8.02 -0.48 -27.41
CA ASN A 266 7.04 -1.04 -26.49
C ASN A 266 7.69 -1.97 -25.48
N GLU A 267 7.31 -1.79 -24.21
CA GLU A 267 7.66 -2.71 -23.13
C GLU A 267 9.16 -2.96 -23.08
N SER A 268 9.98 -1.95 -23.37
CA SER A 268 11.42 -2.11 -23.37
C SER A 268 12.14 -1.50 -22.17
N VAL A 269 11.44 -0.77 -21.30
CA VAL A 269 12.07 0.05 -20.28
C VAL A 269 11.81 -0.55 -18.90
N LEU A 270 12.86 -0.67 -18.10
CA LEU A 270 12.73 -0.98 -16.69
C LEU A 270 12.57 0.31 -15.88
N PHE A 271 11.42 0.48 -15.21
CA PHE A 271 11.24 1.54 -14.24
C PHE A 271 11.78 1.06 -12.89
N VAL A 272 12.62 1.87 -12.26
CA VAL A 272 13.25 1.56 -10.97
C VAL A 272 12.88 2.68 -10.00
N SER A 273 12.11 2.36 -8.97
CA SER A 273 11.76 3.38 -7.99
C SER A 273 11.41 2.74 -6.64
N PHE A 274 12.02 3.26 -5.57
CA PHE A 274 11.65 2.86 -4.21
C PHE A 274 10.75 3.89 -3.55
N GLY A 275 10.19 4.81 -4.34
CA GLY A 275 9.18 5.70 -3.86
C GLY A 275 9.74 6.76 -2.93
N SER A 276 8.86 7.27 -2.08
CA SER A 276 9.29 8.20 -1.05
C SER A 276 9.89 7.43 0.12
N GLY A 277 9.15 6.46 0.64
CA GLY A 277 9.67 5.58 1.66
C GLY A 277 10.62 4.55 1.09
N GLY A 278 11.86 4.97 0.78
CA GLY A 278 12.85 4.04 0.28
C GLY A 278 14.19 4.76 0.24
N THR A 279 15.26 4.08 0.66
CA THR A 279 16.60 4.58 0.46
C THR A 279 17.48 3.35 0.52
N LEU A 280 18.63 3.45 -0.13
CA LEU A 280 19.60 2.37 -0.24
C LEU A 280 20.88 2.81 0.45
N SER A 281 21.68 1.86 0.92
CA SER A 281 23.02 2.21 1.36
C SER A 281 23.86 2.67 0.16
N THR A 282 24.93 3.42 0.47
CA THR A 282 25.91 3.75 -0.55
C THR A 282 26.38 2.52 -1.33
N LYS A 283 26.72 1.44 -0.61
CA LYS A 283 27.22 0.26 -1.30
C LYS A 283 26.15 -0.33 -2.20
N GLN A 284 24.89 -0.36 -1.74
CA GLN A 284 23.84 -0.98 -2.54
C GLN A 284 23.52 -0.14 -3.77
N MET A 285 23.50 1.18 -3.61
CA MET A 285 23.27 2.09 -4.73
C MET A 285 24.34 1.92 -5.82
N THR A 286 25.59 1.69 -5.41
CA THR A 286 26.67 1.44 -6.36
C THR A 286 26.42 0.16 -7.14
N GLU A 287 26.10 -0.93 -6.44
CA GLU A 287 25.79 -2.17 -7.15
C GLU A 287 24.59 -2.02 -8.06
N LEU A 288 23.55 -1.29 -7.62
CA LEU A 288 22.37 -1.09 -8.46
C LEU A 288 22.74 -0.27 -9.71
N ALA A 289 23.47 0.83 -9.52
CA ALA A 289 23.97 1.57 -10.68
C ALA A 289 24.70 0.64 -11.67
N TRP A 290 25.63 -0.18 -11.21
CA TRP A 290 26.40 -1.02 -12.13
C TRP A 290 25.55 -2.12 -12.75
N GLY A 291 24.64 -2.72 -11.96
CA GLY A 291 23.74 -3.72 -12.53
C GLY A 291 22.87 -3.18 -13.64
N LEU A 292 22.38 -1.96 -13.49
CA LEU A 292 21.56 -1.38 -14.56
C LEU A 292 22.40 -1.15 -15.82
N GLU A 293 23.61 -0.59 -15.67
CA GLU A 293 24.48 -0.37 -16.83
C GLU A 293 24.86 -1.70 -17.49
N LEU A 294 25.30 -2.67 -16.68
CA LEU A 294 25.74 -3.95 -17.22
C LEU A 294 24.63 -4.66 -17.97
N SER A 295 23.37 -4.45 -17.55
CA SER A 295 22.24 -5.14 -18.18
C SER A 295 22.06 -4.72 -19.63
N GLN A 296 22.48 -3.50 -19.98
CA GLN A 296 22.28 -2.93 -21.31
C GLN A 296 20.81 -2.83 -21.68
N GLN A 297 19.93 -2.77 -20.69
CA GLN A 297 18.52 -2.53 -20.93
C GLN A 297 18.22 -1.05 -20.75
N LYS A 298 17.17 -0.60 -21.43
CA LYS A 298 16.62 0.73 -21.19
C LYS A 298 16.04 0.83 -19.78
N PHE A 299 16.26 1.97 -19.12
CA PHE A 299 15.76 2.14 -17.77
C PHE A 299 15.46 3.59 -17.46
N VAL A 300 14.51 3.78 -16.54
CA VAL A 300 14.25 5.05 -15.88
C VAL A 300 14.40 4.79 -14.39
N TRP A 301 15.31 5.52 -13.73
CA TRP A 301 15.67 5.28 -12.34
C TRP A 301 15.45 6.54 -11.52
N VAL A 302 14.46 6.49 -10.63
CA VAL A 302 14.20 7.56 -9.67
C VAL A 302 15.21 7.42 -8.53
N VAL A 303 16.14 8.37 -8.44
CA VAL A 303 17.29 8.30 -7.53
C VAL A 303 17.06 9.27 -6.39
N ARG A 304 17.55 8.88 -5.20
CA ARG A 304 17.53 9.71 -4.02
C ARG A 304 18.88 9.53 -3.35
N PRO A 305 19.37 10.51 -2.60
CA PRO A 305 20.66 10.35 -1.94
C PRO A 305 20.67 9.12 -1.06
N PRO A 306 21.81 8.42 -0.96
CA PRO A 306 21.85 7.17 -0.18
C PRO A 306 21.94 7.45 1.32
N SER A 307 21.68 6.39 2.09
CA SER A 307 21.64 6.51 3.55
C SER A 307 22.26 5.26 4.16
N ASP A 308 23.33 5.44 4.93
CA ASP A 308 23.99 4.34 5.63
C ASP A 308 23.49 4.19 7.08
N ASP A 325 21.99 17.94 -8.92
CA ASP A 325 22.97 17.01 -9.48
C ASP A 325 23.11 15.76 -8.63
N MET A 326 22.57 14.64 -9.13
CA MET A 326 22.73 13.34 -8.48
C MET A 326 24.05 12.65 -8.83
N SER A 327 24.94 13.33 -9.56
CA SER A 327 26.18 12.72 -10.03
C SER A 327 27.03 12.23 -8.88
N GLU A 328 27.03 12.96 -7.78
CA GLU A 328 27.81 12.62 -6.60
C GLU A 328 27.54 11.22 -6.10
N TYR A 329 26.33 10.70 -6.34
CA TYR A 329 25.88 9.44 -5.75
C TYR A 329 25.97 8.25 -6.69
N LEU A 330 26.45 8.46 -7.92
CA LEU A 330 26.53 7.46 -8.97
C LEU A 330 28.00 7.15 -9.26
N PRO A 331 28.30 6.01 -9.86
CA PRO A 331 29.70 5.71 -10.20
C PRO A 331 30.28 6.74 -11.17
N GLU A 332 31.60 6.91 -11.07
CA GLU A 332 32.33 7.81 -11.94
C GLU A 332 32.00 7.52 -13.40
N GLY A 333 31.54 8.56 -14.10
CA GLY A 333 31.17 8.44 -15.49
C GLY A 333 29.84 7.75 -15.75
N PHE A 334 29.03 7.49 -14.72
CA PHE A 334 27.78 6.76 -14.94
C PHE A 334 26.91 7.45 -15.99
N LEU A 335 26.69 8.77 -15.84
CA LEU A 335 25.74 9.44 -16.72
C LEU A 335 26.23 9.54 -18.14
N THR A 336 27.56 9.52 -18.33
CA THR A 336 28.12 9.49 -19.67
C THR A 336 27.99 8.10 -20.30
N ARG A 337 28.37 7.06 -19.56
CA ARG A 337 28.25 5.71 -20.12
C ARG A 337 26.80 5.36 -20.47
N THR A 338 25.83 5.73 -19.63
CA THR A 338 24.46 5.28 -19.81
C THR A 338 23.57 6.27 -20.58
N LYS A 339 24.15 7.32 -21.16
CA LYS A 339 23.35 8.22 -21.99
C LYS A 339 22.70 7.44 -23.16
N ASP A 340 21.46 7.77 -23.47
CA ASP A 340 20.69 7.03 -24.47
C ASP A 340 20.17 5.66 -24.01
N MET A 341 20.75 5.08 -22.95
CA MET A 341 20.24 3.83 -22.40
C MET A 341 19.28 4.06 -21.23
N GLY A 342 19.51 5.10 -20.43
CA GLY A 342 18.82 5.26 -19.18
C GLY A 342 18.61 6.71 -18.81
N LEU A 343 17.56 6.95 -18.04
CA LEU A 343 17.24 8.27 -17.52
C LEU A 343 17.30 8.22 -16.00
N VAL A 344 18.18 9.04 -15.39
CA VAL A 344 18.21 9.22 -13.94
C VAL A 344 17.36 10.43 -13.56
N VAL A 345 16.25 10.15 -12.89
CA VAL A 345 15.29 11.20 -12.45
C VAL A 345 15.50 11.46 -10.96
N PRO A 346 15.70 12.73 -10.55
CA PRO A 346 16.02 13.08 -9.14
C PRO A 346 14.81 13.13 -8.20
N MET A 347 14.84 12.39 -7.09
CA MET A 347 13.83 12.47 -6.00
C MET A 347 12.39 12.03 -6.30
N TRP A 348 11.80 12.46 -7.41
CA TRP A 348 10.36 12.15 -7.63
C TRP A 348 9.99 11.99 -9.10
N ALA A 349 8.97 11.18 -9.38
CA ALA A 349 8.45 11.03 -10.76
C ALA A 349 6.94 10.77 -10.70
N ASN A 350 6.22 11.01 -11.79
CA ASN A 350 4.76 10.69 -11.85
C ASN A 350 4.67 9.19 -12.05
N GLN A 351 4.71 8.45 -10.96
CA GLN A 351 4.85 7.00 -11.07
C GLN A 351 3.67 6.37 -11.79
N VAL A 352 2.44 6.75 -11.40
CA VAL A 352 1.28 6.10 -12.00
C VAL A 352 1.23 6.41 -13.49
N GLU A 353 1.62 7.61 -13.89
CA GLU A 353 1.69 7.93 -15.31
C GLU A 353 2.78 7.11 -16.02
N ILE A 354 3.94 6.95 -15.39
CA ILE A 354 5.02 6.17 -16.00
C ILE A 354 4.62 4.71 -16.16
N LEU A 355 3.98 4.13 -15.13
CA LEU A 355 3.63 2.71 -15.17
C LEU A 355 2.56 2.41 -16.22
N SER A 356 1.79 3.41 -16.62
CA SER A 356 0.79 3.24 -17.65
C SER A 356 1.34 3.44 -19.06
N HIS A 357 2.60 3.84 -19.20
CA HIS A 357 3.17 4.10 -20.52
C HIS A 357 3.53 2.80 -21.22
N SER A 358 3.29 2.77 -22.55
CA SER A 358 3.43 1.53 -23.31
C SER A 358 4.88 1.07 -23.40
N SER A 359 5.84 1.97 -23.19
CA SER A 359 7.25 1.58 -23.24
C SER A 359 7.75 0.84 -22.01
N VAL A 360 6.99 0.84 -20.91
CA VAL A 360 7.48 0.24 -19.67
C VAL A 360 7.21 -1.26 -19.68
N GLY A 361 8.27 -2.04 -19.50
CA GLY A 361 8.15 -3.47 -19.49
C GLY A 361 8.45 -4.11 -18.16
N GLY A 362 8.93 -3.35 -17.19
CA GLY A 362 9.22 -3.93 -15.89
C GLY A 362 9.29 -2.84 -14.85
N PHE A 363 9.22 -3.26 -13.59
CA PHE A 363 9.18 -2.34 -12.45
C PHE A 363 10.00 -2.99 -11.33
N LEU A 364 11.14 -2.38 -10.99
CA LEU A 364 11.91 -2.76 -9.81
C LEU A 364 11.37 -1.92 -8.65
N THR A 365 10.65 -2.58 -7.74
CA THR A 365 9.95 -1.87 -6.63
C THR A 365 10.19 -2.48 -5.26
N HIS A 366 9.85 -1.74 -4.22
CA HIS A 366 9.94 -2.21 -2.82
C HIS A 366 8.69 -3.05 -2.48
N CYS A 367 7.71 -3.11 -3.38
CA CYS A 367 6.50 -3.96 -3.20
C CYS A 367 5.47 -3.33 -2.27
N GLY A 368 5.57 -2.03 -1.98
CA GLY A 368 4.46 -1.38 -1.31
C GLY A 368 3.17 -1.63 -2.08
N TRP A 369 2.07 -1.79 -1.34
CA TRP A 369 0.86 -2.26 -2.03
C TRP A 369 0.36 -1.23 -3.03
N ASN A 370 0.38 0.06 -2.69
CA ASN A 370 -0.01 1.07 -3.69
C ASN A 370 0.82 0.93 -4.96
N SER A 371 2.14 0.81 -4.83
CA SER A 371 2.98 0.64 -6.02
C SER A 371 2.66 -0.64 -6.76
N THR A 372 2.48 -1.74 -6.02
CA THR A 372 2.16 -3.02 -6.64
C THR A 372 0.87 -2.94 -7.44
N VAL A 373 -0.17 -2.33 -6.85
CA VAL A 373 -1.45 -2.16 -7.51
C VAL A 373 -1.31 -1.30 -8.75
N GLU A 374 -0.54 -0.21 -8.67
CA GLU A 374 -0.33 0.60 -9.86
C GLU A 374 0.37 -0.19 -10.97
N SER A 375 1.24 -1.13 -10.60
CA SER A 375 1.95 -1.96 -11.57
C SER A 375 1.03 -3.02 -12.16
N LEU A 376 0.33 -3.74 -11.29
CA LEU A 376 -0.49 -4.85 -11.77
C LEU A 376 -1.66 -4.36 -12.62
N THR A 377 -2.29 -3.23 -12.24
CA THR A 377 -3.39 -2.71 -13.05
C THR A 377 -2.90 -2.17 -14.39
N ASN A 378 -1.60 -2.07 -14.59
CA ASN A 378 -1.04 -1.75 -15.90
C ASN A 378 -0.41 -2.96 -16.54
N GLY A 379 -0.54 -4.13 -15.92
CA GLY A 379 0.06 -5.34 -16.45
C GLY A 379 1.57 -5.31 -16.52
N VAL A 380 2.24 -4.66 -15.59
CA VAL A 380 3.70 -4.52 -15.62
C VAL A 380 4.28 -5.51 -14.60
N PRO A 381 5.12 -6.46 -15.02
CA PRO A 381 5.76 -7.37 -14.06
C PRO A 381 6.86 -6.67 -13.27
N MET A 382 7.39 -7.36 -12.24
CA MET A 382 8.17 -6.68 -11.21
C MET A 382 9.44 -7.44 -10.84
N ILE A 383 10.43 -6.68 -10.38
CA ILE A 383 11.52 -7.23 -9.58
C ILE A 383 11.24 -6.82 -8.13
N ALA A 384 11.05 -7.80 -7.24
CA ALA A 384 10.59 -7.53 -5.87
C ALA A 384 11.77 -7.29 -4.95
N TRP A 385 11.82 -6.09 -4.36
CA TRP A 385 12.93 -5.63 -3.54
C TRP A 385 12.37 -5.07 -2.24
N PRO A 386 11.73 -5.90 -1.42
CA PRO A 386 11.02 -5.38 -0.25
C PRO A 386 11.97 -4.77 0.78
N LEU A 387 11.50 -3.74 1.48
CA LEU A 387 12.32 -3.00 2.45
C LEU A 387 11.73 -2.95 3.85
N HIS A 388 10.42 -2.73 4.02
CA HIS A 388 9.87 -2.52 5.36
C HIS A 388 8.36 -2.73 5.33
N ALA A 389 7.70 -2.39 6.45
CA ALA A 389 6.26 -2.60 6.64
C ALA A 389 5.88 -4.03 6.33
N GLU A 390 4.96 -4.22 5.38
CA GLU A 390 4.49 -5.56 5.02
C GLU A 390 5.01 -5.98 3.65
N GLN A 391 6.09 -5.36 3.18
CA GLN A 391 6.54 -5.56 1.79
C GLN A 391 7.12 -6.94 1.57
N LYS A 392 7.77 -7.53 2.56
CA LYS A 392 8.28 -8.88 2.36
C LYS A 392 7.14 -9.87 2.14
N MET A 393 6.02 -9.71 2.86
CA MET A 393 4.88 -10.58 2.58
C MET A 393 4.32 -10.30 1.18
N ASN A 394 4.26 -9.03 0.77
CA ASN A 394 3.80 -8.72 -0.57
C ASN A 394 4.72 -9.37 -1.60
N ALA A 395 6.03 -9.24 -1.40
CA ALA A 395 6.98 -9.83 -2.33
C ALA A 395 6.83 -11.34 -2.41
N ALA A 396 6.60 -11.99 -1.26
CA ALA A 396 6.44 -13.45 -1.26
C ALA A 396 5.22 -13.84 -2.08
N MET A 397 4.13 -13.10 -1.94
CA MET A 397 2.93 -13.37 -2.72
C MET A 397 3.19 -13.18 -4.22
N LEU A 398 3.80 -12.05 -4.59
CA LEU A 398 4.04 -11.74 -6.00
C LEU A 398 4.95 -12.76 -6.67
N THR A 399 5.94 -13.28 -5.96
CA THR A 399 6.88 -14.21 -6.58
C THR A 399 6.43 -15.67 -6.43
N GLU A 400 6.03 -16.09 -5.22
CA GLU A 400 5.73 -17.51 -5.00
C GLU A 400 4.31 -17.88 -5.45
N GLU A 401 3.32 -17.00 -5.25
CA GLU A 401 1.94 -17.36 -5.50
C GLU A 401 1.43 -16.86 -6.85
N LEU A 402 1.72 -15.60 -7.18
CA LEU A 402 1.13 -14.98 -8.36
C LEU A 402 2.00 -15.11 -9.60
N GLY A 403 3.29 -15.37 -9.44
CA GLY A 403 4.16 -15.54 -10.60
C GLY A 403 4.35 -14.31 -11.45
N VAL A 404 4.19 -13.11 -10.88
CA VAL A 404 4.34 -11.87 -11.63
C VAL A 404 5.60 -11.10 -11.23
N ALA A 405 6.49 -11.69 -10.43
CA ALA A 405 7.69 -11.01 -10.00
C ALA A 405 8.84 -12.02 -9.88
N ILE A 406 10.06 -11.54 -10.08
CA ILE A 406 11.27 -12.28 -9.75
C ILE A 406 11.98 -11.50 -8.66
N ARG A 407 13.03 -12.10 -8.07
CA ARG A 407 13.62 -11.51 -6.87
C ARG A 407 15.04 -12.02 -6.72
N PRO A 408 15.87 -11.32 -5.94
CA PRO A 408 17.18 -11.85 -5.57
C PRO A 408 17.07 -13.13 -4.75
N ALA A 409 18.15 -13.92 -4.79
CA ALA A 409 18.23 -15.15 -4.00
C ALA A 409 18.05 -14.92 -2.51
N VAL A 410 18.53 -13.79 -2.00
CA VAL A 410 18.47 -13.49 -0.57
C VAL A 410 17.82 -12.12 -0.44
N LEU A 411 17.05 -11.93 0.64
CA LEU A 411 16.38 -10.65 0.85
C LEU A 411 17.40 -9.51 0.81
N PRO A 412 17.13 -8.43 0.08
CA PRO A 412 18.03 -7.26 0.11
C PRO A 412 18.34 -6.76 1.50
N THR A 413 17.40 -6.85 2.45
CA THR A 413 17.66 -6.42 3.82
C THR A 413 18.54 -7.40 4.58
N LYS A 414 18.74 -8.62 4.08
CA LYS A 414 19.67 -9.55 4.70
C LYS A 414 21.08 -9.46 4.11
N LYS A 415 21.21 -9.27 2.79
CA LYS A 415 22.51 -9.34 2.15
C LYS A 415 22.56 -8.40 0.96
N LEU A 416 23.74 -7.84 0.75
CA LEU A 416 23.97 -6.96 -0.38
C LEU A 416 23.69 -7.70 -1.67
N VAL A 417 22.85 -7.10 -2.51
CA VAL A 417 22.61 -7.61 -3.86
C VAL A 417 23.71 -7.03 -4.73
N LYS A 418 24.48 -7.89 -5.39
CA LYS A 418 25.62 -7.46 -6.17
C LYS A 418 25.22 -7.16 -7.62
N ARG A 419 26.07 -6.40 -8.30
CA ARG A 419 25.77 -5.95 -9.66
C ARG A 419 25.50 -7.11 -10.61
N GLU A 420 26.21 -8.22 -10.42
CA GLU A 420 26.06 -9.38 -11.29
C GLU A 420 24.66 -9.96 -11.22
N GLU A 421 24.12 -10.11 -10.00
CA GLU A 421 22.78 -10.67 -9.86
C GLU A 421 21.74 -9.71 -10.37
N ILE A 422 21.96 -8.41 -10.14
CA ILE A 422 21.05 -7.39 -10.64
C ILE A 422 21.04 -7.40 -12.17
N GLN A 423 22.23 -7.35 -12.78
CA GLN A 423 22.34 -7.56 -14.22
C GLN A 423 21.50 -8.75 -14.68
N GLY A 424 21.66 -9.90 -14.01
CA GLY A 424 20.93 -11.10 -14.42
C GLY A 424 19.42 -10.98 -14.27
N MET A 425 18.95 -10.33 -13.20
CA MET A 425 17.51 -10.20 -13.01
C MET A 425 16.92 -9.30 -14.08
N VAL A 426 17.55 -8.14 -14.31
CA VAL A 426 17.03 -7.21 -15.30
C VAL A 426 16.90 -7.91 -16.66
N ARG A 427 17.87 -8.77 -16.98
CA ARG A 427 17.91 -9.48 -18.27
C ARG A 427 16.79 -10.51 -18.34
N ILE A 428 16.67 -11.32 -17.30
CA ILE A 428 15.62 -12.34 -17.25
C ILE A 428 14.27 -11.70 -17.52
N LEU A 429 13.98 -10.61 -16.80
CA LEU A 429 12.67 -10.01 -16.90
C LEU A 429 12.45 -9.36 -18.26
N MET A 430 13.48 -8.70 -18.79
CA MET A 430 13.26 -7.87 -19.96
C MET A 430 13.62 -8.57 -21.28
N GLN A 431 14.46 -9.60 -21.25
CA GLN A 431 14.92 -10.25 -22.48
C GLN A 431 14.43 -11.68 -22.65
N THR A 432 14.57 -12.54 -21.63
CA THR A 432 14.39 -13.98 -21.82
C THR A 432 12.93 -14.36 -22.08
N LYS A 433 12.76 -15.63 -22.44
CA LYS A 433 11.43 -16.20 -22.59
C LYS A 433 10.73 -16.31 -21.24
N GLU A 434 11.48 -16.62 -20.18
CA GLU A 434 10.93 -16.61 -18.82
C GLU A 434 10.30 -15.26 -18.46
N GLY A 435 10.99 -14.15 -18.75
CA GLY A 435 10.41 -12.85 -18.48
C GLY A 435 9.12 -12.59 -19.23
N LYS A 436 9.01 -13.14 -20.45
CA LYS A 436 7.78 -12.99 -21.21
C LYS A 436 6.62 -13.76 -20.57
N ARG A 437 6.89 -14.93 -19.97
CA ARG A 437 5.88 -15.67 -19.21
C ARG A 437 5.39 -14.84 -18.02
N ILE A 438 6.31 -14.16 -17.32
CA ILE A 438 5.95 -13.32 -16.18
C ILE A 438 5.11 -12.13 -16.63
N LYS A 439 5.47 -11.51 -17.75
CA LYS A 439 4.71 -10.38 -18.29
C LYS A 439 3.30 -10.81 -18.67
N GLU A 440 3.15 -11.99 -19.29
CA GLU A 440 1.81 -12.50 -19.64
C GLU A 440 0.95 -12.73 -18.40
N LYS A 441 1.53 -13.27 -17.33
CA LYS A 441 0.77 -13.42 -16.09
C LYS A 441 0.33 -12.07 -15.54
N ALA A 442 1.18 -11.04 -15.66
CA ALA A 442 0.79 -9.73 -15.17
C ALA A 442 -0.30 -9.12 -16.02
N LYS A 443 -0.31 -9.44 -17.31
CA LYS A 443 -1.38 -8.98 -18.17
C LYS A 443 -2.70 -9.65 -17.80
N LYS A 444 -2.65 -10.93 -17.43
CA LYS A 444 -3.86 -11.60 -16.95
C LYS A 444 -4.38 -10.98 -15.66
N LEU A 445 -3.48 -10.59 -14.74
CA LEU A 445 -3.93 -9.95 -13.51
C LEU A 445 -4.53 -8.58 -13.80
N LYS A 446 -4.00 -7.86 -14.79
CA LYS A 446 -4.60 -6.56 -15.18
C LYS A 446 -6.08 -6.76 -15.55
N LYS A 447 -6.35 -7.75 -16.39
CA LYS A 447 -7.74 -8.05 -16.80
C LYS A 447 -8.56 -8.47 -15.57
N SER A 448 -8.03 -9.37 -14.75
CA SER A 448 -8.74 -9.80 -13.53
C SER A 448 -9.10 -8.55 -12.72
N ALA A 449 -8.16 -7.60 -12.65
CA ALA A 449 -8.43 -6.41 -11.85
C ALA A 449 -9.54 -5.58 -12.47
N GLU A 450 -9.46 -5.37 -13.78
CA GLU A 450 -10.48 -4.64 -14.50
C GLU A 450 -11.85 -5.28 -14.32
N ASN A 451 -11.94 -6.61 -14.50
CA ASN A 451 -13.20 -7.31 -14.28
C ASN A 451 -13.72 -7.04 -12.88
N ALA A 452 -12.84 -7.06 -11.87
CA ALA A 452 -13.29 -6.93 -10.49
C ALA A 452 -13.91 -5.56 -10.26
N LEU A 453 -13.34 -4.52 -10.86
CA LEU A 453 -13.79 -3.16 -10.67
C LEU A 453 -14.91 -2.76 -11.63
N SER A 454 -15.20 -3.59 -12.63
CA SER A 454 -16.27 -3.24 -13.56
C SER A 454 -17.63 -3.32 -12.89
N ASP A 455 -18.63 -2.72 -13.55
CA ASP A 455 -20.00 -2.81 -13.05
C ASP A 455 -20.41 -4.28 -13.03
N GLY A 456 -20.90 -4.73 -11.87
CA GLY A 456 -21.24 -6.12 -11.68
C GLY A 456 -20.06 -7.03 -11.36
N GLY A 457 -18.84 -6.48 -11.26
CA GLY A 457 -17.68 -7.28 -10.89
C GLY A 457 -17.65 -7.50 -9.40
N SER A 458 -16.67 -8.30 -8.95
CA SER A 458 -16.65 -8.75 -7.56
C SER A 458 -16.45 -7.59 -6.59
N SER A 459 -15.61 -6.63 -6.95
CA SER A 459 -15.39 -5.53 -6.01
C SER A 459 -16.55 -4.55 -6.00
N TYR A 460 -17.16 -4.33 -7.17
CA TYR A 460 -18.45 -3.62 -7.24
C TYR A 460 -19.49 -4.28 -6.36
N ASN A 461 -19.61 -5.62 -6.45
CA ASN A 461 -20.62 -6.31 -5.66
C ASN A 461 -20.34 -6.17 -4.17
N SER A 462 -19.06 -6.21 -3.77
CA SER A 462 -18.72 -6.10 -2.34
C SER A 462 -19.07 -4.72 -1.79
N ILE A 463 -18.96 -3.67 -2.61
CA ILE A 463 -19.40 -2.36 -2.15
C ILE A 463 -20.91 -2.33 -1.93
N CYS A 464 -21.69 -2.90 -2.85
CA CYS A 464 -23.14 -2.97 -2.65
C CYS A 464 -23.48 -3.72 -1.38
N GLU A 465 -22.70 -4.77 -1.05
CA GLU A 465 -22.95 -5.54 0.16
C GLU A 465 -22.59 -4.73 1.39
N LEU A 466 -21.53 -3.91 1.30
CA LEU A 466 -21.22 -2.96 2.36
C LEU A 466 -22.37 -1.98 2.57
N VAL A 467 -22.88 -1.40 1.49
CA VAL A 467 -23.97 -0.43 1.61
C VAL A 467 -25.18 -1.07 2.27
N LYS A 468 -25.45 -2.33 1.94
CA LYS A 468 -26.58 -3.05 2.55
C LYS A 468 -26.39 -3.20 4.05
N ASP A 469 -25.16 -3.51 4.46
CA ASP A 469 -24.89 -3.63 5.89
C ASP A 469 -25.13 -2.30 6.60
N ILE A 470 -24.68 -1.20 6.00
CA ILE A 470 -24.90 0.12 6.59
C ILE A 470 -26.39 0.40 6.74
N ARG A 471 -27.17 0.15 5.68
CA ARG A 471 -28.60 0.38 5.74
C ARG A 471 -29.24 -0.52 6.77
N SER A 472 -28.91 -1.81 6.72
CA SER A 472 -29.49 -2.76 7.66
C SER A 472 -29.35 -2.28 9.10
N ARG A 473 -28.22 -1.66 9.44
CA ARG A 473 -27.95 -1.28 10.83
C ARG A 473 -28.74 -0.06 11.26
N GLU A 474 -29.39 0.64 10.32
CA GLU A 474 -30.26 1.77 10.63
C GLU A 474 -31.74 1.39 10.71
N LEU A 475 -32.07 0.12 10.44
CA LEU A 475 -33.40 -0.43 10.67
C LEU A 475 -33.54 -0.93 12.11
CAA T83 B . 6.74 -0.62 9.44
CAD T83 B . 1.27 -4.53 8.50
CAE T83 B . 2.44 -4.06 9.18
CAF T83 B . 2.46 -0.55 7.91
CAG T83 B . 3.99 -2.16 9.60
CAJ T83 B . 3.60 -0.03 8.55
CAK T83 B . 4.38 -0.83 9.39
CAL T83 B . 0.57 -3.66 7.69
CAM T83 B . 2.83 -2.68 8.96
CAN T83 B . 2.08 -1.92 8.13
OAB T83 B . -0.56 -4.17 7.05
OAC T83 B . 4.00 1.31 8.34
OAH T83 B . 5.51 -0.31 10.03
OAI T83 B . 0.98 -2.41 7.51
C1 GOL C . -20.26 -10.35 1.70
O1 GOL C . -20.89 -9.55 2.65
C2 GOL C . -18.78 -10.08 1.80
O2 GOL C . -17.98 -11.21 1.76
C3 GOL C . -18.48 -9.14 0.59
O3 GOL C . -18.14 -9.95 -0.51
H11 GOL C . -20.56 -10.17 0.79
H12 GOL C . -20.43 -11.30 1.84
HO1 GOL C . -20.99 -8.78 2.30
H2 GOL C . -18.61 -9.68 2.66
HO2 GOL C . -17.18 -10.93 1.78
H31 GOL C . -17.77 -8.53 0.84
H32 GOL C . -19.26 -8.59 0.43
HO3 GOL C . -18.28 -10.76 -0.26
#